data_6LX1
#
_entry.id   6LX1
#
_cell.length_a   69.171
_cell.length_b   120.293
_cell.length_c   174.698
_cell.angle_alpha   90.00
_cell.angle_beta   90.00
_cell.angle_gamma   90.00
#
_symmetry.space_group_name_H-M   'C 2 2 21'
#
loop_
_entity.id
_entity.type
_entity.pdbx_description
1 polymer '4-alpha-glucanotransferase, chloroplastic/amyloplastic'
2 branched 4,6-dideoxy-4-{[(1S,4R,5S,6S)-4,5,6-trihydroxy-3-(hydroxymethyl)cyclohex-2-en-1-yl]amino}-alpha-D-glucopyranose-(1-4)-1,5-anhydro-D-glucitol
3 non-polymer GLYCEROL
4 non-polymer 'CALCIUM ION'
5 non-polymer 'MAGNESIUM ION'
6 water water
#
_entity_poly.entity_id   1
_entity_poly.type   'polypeptide(L)'
_entity_poly.pdbx_seq_one_letter_code
;AVPAVGEDFPIDYADWLPKRDPNDRRRAGILLHPTSFPGPYGIGDLGPQAFKFLDWLHLAGCSLWQVLPLVPPGKRGNED
GSPYSGQDANCGNTLLISLEELVDDGLLKMEELPEPLPTDRVNYSTISEIKDPLITKAAKRLLSSEGELKDQLENFRRDP
NISSWLEDAAYFAAIDNSVNTISWYDWPEPLKNRHLAALEEVYQSEKDFIDIFIAQQFLFQRQWKKVRDYARSKGISIMG
DMPIYVGYHSADVWANKKQFLLNRKGFPLIVSGVPPDAFSETGQLWGSPLYDWKAMEKDGFSWWVRRIQRATDLFDEFRI
DHFRGFAGFWAVPSEEKIAILGRWKVGPGKPLFDAILQAVGKINIIAEDLGVITEDVVQLRKSIEAPGMAVLQFAFGSDA
ENPHLPHNHEQNQVVYTGTHDNDTIRGWWDTLPQEEKSNVLKYLSNIEEEEISRGLIEGAVSSVARIAIIPMQDVLGLGS
DSRMNIPATQFGNWSWRIPSSTSFDNLDAEAKKLRDILATYGRL
;
_entity_poly.pdbx_strand_id   A
#
# COMPACT_ATOMS: atom_id res chain seq x y z
N VAL A 2 -19.13 20.25 -36.03
CA VAL A 2 -19.80 19.65 -37.25
C VAL A 2 -20.46 20.78 -38.06
N PRO A 3 -20.67 20.60 -39.38
CA PRO A 3 -21.46 21.55 -40.16
C PRO A 3 -22.88 21.70 -39.60
N ALA A 4 -23.61 22.69 -40.11
CA ALA A 4 -25.02 22.98 -39.77
C ALA A 4 -25.93 21.77 -40.07
N VAL A 5 -27.02 21.66 -39.32
CA VAL A 5 -28.00 20.53 -39.49
C VAL A 5 -28.46 20.52 -40.95
N GLY A 6 -28.32 19.39 -41.62
CA GLY A 6 -28.85 19.22 -42.98
C GLY A 6 -27.78 19.34 -44.05
N GLU A 7 -26.61 19.88 -43.68
CA GLU A 7 -25.50 20.15 -44.64
C GLU A 7 -24.64 18.91 -44.71
N ASP A 8 -23.79 18.86 -45.74
CA ASP A 8 -22.88 17.73 -46.00
C ASP A 8 -21.85 17.65 -44.88
N PHE A 9 -21.58 16.44 -44.41
CA PHE A 9 -20.35 16.10 -43.65
C PHE A 9 -19.24 15.95 -44.69
N PRO A 10 -17.96 15.90 -44.26
CA PRO A 10 -16.89 15.41 -45.15
C PRO A 10 -17.09 14.00 -45.74
N ILE A 11 -16.45 13.74 -46.90
CA ILE A 11 -16.55 12.44 -47.64
C ILE A 11 -16.05 11.29 -46.74
N ASP A 12 -15.19 11.62 -45.76
CA ASP A 12 -14.45 10.69 -44.86
C ASP A 12 -15.16 10.57 -43.51
N TYR A 13 -16.47 10.85 -43.45
CA TYR A 13 -17.25 10.92 -42.19
C TYR A 13 -17.17 9.57 -41.48
N ALA A 14 -17.32 8.49 -42.24
CA ALA A 14 -17.45 7.09 -41.80
C ALA A 14 -16.16 6.57 -41.12
N ASP A 15 -15.02 7.25 -41.35
CA ASP A 15 -13.70 6.92 -40.75
C ASP A 15 -13.65 7.37 -39.30
N TRP A 16 -14.53 8.29 -38.91
CA TRP A 16 -14.60 8.88 -37.55
C TRP A 16 -15.14 7.84 -36.55
N LEU A 17 -14.33 6.81 -36.25
CA LEU A 17 -14.74 5.68 -35.38
C LEU A 17 -14.64 6.08 -33.91
N PRO A 18 -15.40 5.43 -33.00
CA PRO A 18 -15.49 5.89 -31.63
C PRO A 18 -14.13 5.68 -30.92
N LYS A 19 -13.81 6.64 -30.03
CA LYS A 19 -12.50 6.83 -29.36
C LYS A 19 -12.42 5.91 -28.12
N ARG A 20 -11.49 4.95 -28.13
CA ARG A 20 -11.11 4.17 -26.91
C ARG A 20 -10.11 4.99 -26.09
N ASP A 21 -10.50 5.44 -24.90
CA ASP A 21 -9.66 6.17 -23.92
C ASP A 21 -8.70 5.18 -23.24
N PRO A 22 -7.34 5.31 -23.40
CA PRO A 22 -6.38 4.44 -22.71
C PRO A 22 -6.54 4.21 -21.21
N ASN A 23 -7.22 5.11 -20.49
CA ASN A 23 -7.52 4.98 -19.04
C ASN A 23 -8.69 4.01 -18.78
N ASP A 24 -9.41 3.60 -19.82
CA ASP A 24 -10.46 2.57 -19.73
C ASP A 24 -9.89 1.17 -20.08
N ARG A 25 -8.58 1.05 -20.37
CA ARG A 25 -7.97 -0.24 -20.77
C ARG A 25 -8.26 -1.32 -19.70
N ARG A 26 -8.73 -2.50 -20.08
CA ARG A 26 -8.94 -3.63 -19.13
C ARG A 26 -7.58 -4.25 -18.77
N ARG A 27 -7.30 -4.42 -17.49
CA ARG A 27 -5.97 -4.89 -17.01
C ARG A 27 -6.18 -5.96 -15.93
N ALA A 28 -5.19 -6.82 -15.73
CA ALA A 28 -5.18 -7.78 -14.61
C ALA A 28 -3.88 -7.58 -13.85
N GLY A 29 -3.93 -7.88 -12.56
CA GLY A 29 -2.77 -7.76 -11.69
C GLY A 29 -2.74 -8.84 -10.63
N ILE A 30 -1.61 -8.94 -9.99
CA ILE A 30 -1.39 -9.86 -8.85
C ILE A 30 -1.12 -9.00 -7.62
N LEU A 31 -1.68 -9.42 -6.51
CA LEU A 31 -1.39 -8.86 -5.17
C LEU A 31 -0.30 -9.71 -4.54
N LEU A 32 0.84 -9.08 -4.26
CA LEU A 32 2.00 -9.78 -3.67
C LEU A 32 2.88 -8.73 -3.00
N HIS A 33 2.88 -8.72 -1.68
CA HIS A 33 3.74 -7.78 -0.95
C HIS A 33 5.18 -8.28 -1.07
N PRO A 34 6.17 -7.40 -1.27
CA PRO A 34 7.53 -7.92 -1.46
C PRO A 34 8.14 -8.72 -0.31
N THR A 35 7.71 -8.53 0.94
CA THR A 35 8.11 -9.37 2.10
C THR A 35 7.85 -10.85 1.79
N SER A 36 6.87 -11.14 0.94
CA SER A 36 6.43 -12.50 0.61
C SER A 36 7.35 -13.13 -0.43
N PHE A 37 8.27 -12.41 -1.06
CA PHE A 37 9.17 -13.01 -2.06
C PHE A 37 10.02 -14.04 -1.32
N PRO A 38 10.39 -15.13 -2.00
CA PRO A 38 11.26 -16.12 -1.36
C PRO A 38 12.70 -15.61 -1.34
N GLY A 39 13.55 -16.37 -0.67
CA GLY A 39 14.98 -16.01 -0.62
C GLY A 39 15.59 -16.42 0.70
N PRO A 40 16.93 -16.28 0.82
CA PRO A 40 17.64 -16.85 1.97
C PRO A 40 17.84 -15.95 3.20
N TYR A 41 17.27 -14.73 3.21
CA TYR A 41 17.56 -13.71 4.24
C TYR A 41 16.35 -13.37 5.09
N GLY A 42 15.38 -14.29 5.22
CA GLY A 42 14.38 -14.20 6.28
C GLY A 42 13.19 -13.35 5.90
N ILE A 43 13.30 -12.63 4.79
CA ILE A 43 12.24 -11.68 4.32
C ILE A 43 12.52 -11.39 2.85
N GLY A 44 11.46 -11.26 2.08
CA GLY A 44 11.52 -10.87 0.66
C GLY A 44 12.10 -9.48 0.57
N ASP A 45 12.72 -9.16 -0.57
CA ASP A 45 13.42 -7.86 -0.74
C ASP A 45 13.31 -7.36 -2.16
N LEU A 46 13.87 -6.18 -2.42
CA LEU A 46 13.77 -5.50 -3.73
C LEU A 46 14.91 -5.93 -4.67
N GLY A 47 15.38 -7.15 -4.47
CA GLY A 47 16.56 -7.72 -5.13
C GLY A 47 16.17 -8.68 -6.25
N PRO A 48 17.02 -9.68 -6.50
CA PRO A 48 16.83 -10.59 -7.64
C PRO A 48 15.41 -11.15 -7.77
N GLN A 49 14.73 -11.46 -6.67
CA GLN A 49 13.39 -12.11 -6.76
C GLN A 49 12.36 -11.11 -7.27
N ALA A 50 12.53 -9.81 -6.96
CA ALA A 50 11.61 -8.78 -7.49
C ALA A 50 11.62 -8.81 -9.05
N PHE A 51 12.78 -8.93 -9.68
CA PHE A 51 12.95 -8.97 -11.15
C PHE A 51 12.44 -10.31 -11.67
N LYS A 52 12.66 -11.39 -10.94
CA LYS A 52 12.12 -12.72 -11.34
C LYS A 52 10.57 -12.66 -11.31
N PHE A 53 10.00 -12.08 -10.27
CA PHE A 53 8.52 -11.92 -10.19
C PHE A 53 8.00 -11.12 -11.38
N LEU A 54 8.60 -9.97 -11.68
CA LEU A 54 8.10 -9.11 -12.76
C LEU A 54 8.24 -9.85 -14.12
N ASP A 55 9.28 -10.66 -14.28
CA ASP A 55 9.36 -11.49 -15.52
C ASP A 55 8.17 -12.47 -15.58
N TRP A 56 7.85 -13.14 -14.48
CA TRP A 56 6.69 -14.04 -14.38
C TRP A 56 5.39 -13.30 -14.68
N LEU A 57 5.17 -12.13 -14.07
CA LEU A 57 3.97 -11.32 -14.35
C LEU A 57 3.84 -11.05 -15.85
N HIS A 58 4.93 -10.67 -16.49
CA HIS A 58 4.95 -10.33 -17.92
C HIS A 58 4.60 -11.58 -18.72
N LEU A 59 5.15 -12.73 -18.33
CA LEU A 59 4.86 -14.04 -18.99
C LEU A 59 3.37 -14.35 -18.84
N ALA A 60 2.77 -14.02 -17.68
CA ALA A 60 1.34 -14.27 -17.36
C ALA A 60 0.45 -13.25 -18.09
N GLY A 61 0.98 -12.19 -18.68
CA GLY A 61 0.18 -11.16 -19.39
C GLY A 61 -0.45 -10.13 -18.43
N CYS A 62 -0.07 -10.15 -17.17
CA CYS A 62 -0.53 -9.14 -16.17
C CYS A 62 0.15 -7.81 -16.40
N SER A 63 -0.54 -6.69 -16.21
CA SER A 63 0.00 -5.32 -16.42
C SER A 63 -0.12 -4.51 -15.13
N LEU A 64 -0.36 -5.18 -14.00
CA LEU A 64 -0.46 -4.53 -12.69
C LEU A 64 0.12 -5.43 -11.60
N TRP A 65 0.79 -4.81 -10.65
CA TRP A 65 1.33 -5.43 -9.43
C TRP A 65 0.83 -4.59 -8.26
N GLN A 66 0.09 -5.22 -7.35
CA GLN A 66 -0.40 -4.50 -6.14
C GLN A 66 0.41 -4.92 -4.90
N VAL A 67 0.87 -3.94 -4.16
CA VAL A 67 1.63 -4.14 -2.93
C VAL A 67 0.85 -3.45 -1.79
N LEU A 68 1.16 -3.83 -0.57
CA LEU A 68 0.67 -3.12 0.63
C LEU A 68 1.53 -1.87 0.83
N PRO A 69 1.21 -1.01 1.81
CA PRO A 69 2.10 0.11 2.12
C PRO A 69 3.52 -0.36 2.30
N LEU A 70 4.45 0.44 1.81
CA LEU A 70 5.90 0.11 1.88
C LEU A 70 6.59 0.78 3.08
N VAL A 71 5.83 1.35 4.01
CA VAL A 71 6.39 2.08 5.17
C VAL A 71 7.03 1.13 6.17
N PRO A 72 7.90 1.65 7.04
CA PRO A 72 8.49 0.83 8.09
C PRO A 72 7.42 0.47 9.11
N PRO A 73 7.16 -0.83 9.35
CA PRO A 73 6.20 -1.22 10.37
C PRO A 73 6.69 -0.82 11.77
N GLY A 74 5.78 -0.31 12.59
CA GLY A 74 6.07 -0.02 14.01
C GLY A 74 6.36 -1.31 14.78
N LYS A 75 7.28 -1.24 15.73
CA LYS A 75 7.67 -2.46 16.48
C LYS A 75 7.06 -2.48 17.90
N ARG A 76 5.89 -1.89 18.13
CA ARG A 76 5.29 -1.89 19.48
C ARG A 76 4.31 -3.05 19.70
N GLY A 77 4.84 -4.24 19.42
CA GLY A 77 4.37 -5.62 19.51
C GLY A 77 5.61 -6.51 19.59
N ASP A 80 5.73 -7.25 14.97
CA ASP A 80 4.36 -7.57 14.50
C ASP A 80 4.31 -7.45 12.95
N GLY A 81 5.08 -6.53 12.37
CA GLY A 81 5.27 -6.39 10.91
C GLY A 81 4.11 -5.77 10.12
N SER A 82 3.12 -5.16 10.76
CA SER A 82 1.92 -4.59 10.09
C SER A 82 2.32 -3.43 9.19
N PRO A 83 2.11 -3.51 7.86
CA PRO A 83 2.27 -2.35 6.98
C PRO A 83 1.29 -1.21 7.24
N TYR A 84 0.23 -1.45 8.05
CA TYR A 84 -0.82 -0.43 8.33
C TYR A 84 -0.61 0.27 9.67
N SER A 85 0.45 -0.04 10.39
CA SER A 85 0.85 0.55 11.69
C SER A 85 2.25 1.13 11.53
N GLY A 86 2.46 1.97 10.52
CA GLY A 86 3.83 2.41 10.17
C GLY A 86 4.42 3.43 11.14
N GLN A 87 5.75 3.48 11.22
CA GLN A 87 6.52 4.44 12.01
C GLN A 87 6.49 5.82 11.36
N ASP A 88 6.15 5.91 10.08
CA ASP A 88 6.25 7.13 9.23
C ASP A 88 5.39 6.88 8.00
N ALA A 89 4.75 7.89 7.44
CA ALA A 89 3.88 7.75 6.26
C ALA A 89 4.72 7.73 4.97
N ASN A 90 5.91 8.33 5.00
CA ASN A 90 6.67 8.61 3.74
C ASN A 90 7.90 7.75 3.59
N CYS A 91 8.55 7.32 4.69
CA CYS A 91 9.78 6.49 4.59
C CYS A 91 9.44 5.11 4.01
N GLY A 92 10.46 4.45 3.46
CA GLY A 92 10.40 3.06 3.00
C GLY A 92 10.91 2.14 4.08
N ASN A 93 10.35 0.94 4.14
CA ASN A 93 10.75 -0.14 5.04
C ASN A 93 12.18 -0.58 4.71
N THR A 94 13.16 -0.29 5.54
CA THR A 94 14.56 -0.68 5.22
C THR A 94 14.74 -2.20 5.22
N LEU A 95 13.85 -2.97 5.86
CA LEU A 95 13.90 -4.45 5.78
C LEU A 95 13.66 -4.91 4.34
N LEU A 96 13.14 -4.08 3.45
CA LEU A 96 12.94 -4.52 2.04
C LEU A 96 14.22 -4.33 1.25
N ILE A 97 15.26 -3.71 1.85
CA ILE A 97 16.50 -3.45 1.07
C ILE A 97 17.20 -4.80 0.80
N SER A 98 17.56 -5.01 -0.45
CA SER A 98 18.24 -6.26 -0.88
C SER A 98 19.70 -6.23 -0.44
N LEU A 99 20.14 -7.23 0.35
CA LEU A 99 21.56 -7.33 0.74
C LEU A 99 22.42 -7.70 -0.47
N GLU A 100 21.90 -8.49 -1.42
CA GLU A 100 22.63 -8.88 -2.66
C GLU A 100 22.86 -7.64 -3.53
N GLU A 101 21.88 -6.73 -3.64
CA GLU A 101 22.09 -5.56 -4.52
C GLU A 101 23.17 -4.66 -3.86
N LEU A 102 23.27 -4.63 -2.54
CA LEU A 102 24.30 -3.80 -1.85
C LEU A 102 25.68 -4.43 -2.05
N VAL A 103 25.74 -5.77 -2.10
CA VAL A 103 27.03 -6.47 -2.45
C VAL A 103 27.40 -6.06 -3.87
N ASP A 104 26.49 -6.08 -4.83
CA ASP A 104 26.70 -5.61 -6.22
C ASP A 104 27.26 -4.18 -6.25
N ASP A 105 26.72 -3.28 -5.43
CA ASP A 105 27.15 -1.87 -5.36
C ASP A 105 28.52 -1.71 -4.73
N GLY A 106 29.05 -2.70 -4.04
CA GLY A 106 30.32 -2.58 -3.30
C GLY A 106 30.09 -2.03 -1.91
N LEU A 107 28.84 -1.89 -1.46
CA LEU A 107 28.56 -1.32 -0.10
C LEU A 107 28.61 -2.40 0.96
N LEU A 108 28.43 -3.67 0.57
CA LEU A 108 28.61 -4.81 1.50
C LEU A 108 29.55 -5.80 0.81
N LYS A 109 30.20 -6.62 1.64
CA LYS A 109 31.08 -7.75 1.21
C LYS A 109 30.30 -9.05 1.32
N MET A 110 30.40 -9.87 0.28
CA MET A 110 29.87 -11.28 0.28
C MET A 110 29.95 -11.86 1.70
N GLU A 111 31.10 -11.72 2.38
CA GLU A 111 31.43 -12.42 3.65
C GLU A 111 30.53 -11.94 4.78
N GLU A 112 30.01 -10.71 4.68
CA GLU A 112 29.20 -10.08 5.75
C GLU A 112 27.76 -10.62 5.68
N LEU A 113 27.31 -11.09 4.52
CA LEU A 113 25.96 -11.71 4.30
C LEU A 113 25.74 -12.81 5.32
N PRO A 114 24.55 -12.97 5.96
CA PRO A 114 24.35 -14.05 6.95
C PRO A 114 24.26 -15.41 6.24
N GLU A 115 24.40 -16.49 7.01
CA GLU A 115 24.17 -17.86 6.48
C GLU A 115 22.66 -17.93 6.21
N PRO A 116 22.22 -18.57 5.11
CA PRO A 116 20.77 -18.76 4.87
C PRO A 116 19.91 -19.08 6.10
N LEU A 117 18.80 -18.34 6.24
CA LEU A 117 17.89 -18.38 7.40
C LEU A 117 16.67 -19.20 7.00
N PRO A 118 15.89 -19.72 7.99
CA PRO A 118 14.63 -20.42 7.75
C PRO A 118 13.69 -19.63 6.82
N THR A 119 13.06 -20.31 5.84
CA THR A 119 12.49 -19.73 4.59
C THR A 119 10.96 -19.65 4.58
N ASP A 120 10.26 -20.29 5.52
CA ASP A 120 8.80 -20.58 5.42
C ASP A 120 8.00 -19.29 5.61
N ARG A 121 8.44 -18.46 6.54
CA ARG A 121 7.62 -17.41 7.19
C ARG A 121 8.56 -16.31 7.64
N VAL A 122 8.07 -15.08 7.63
CA VAL A 122 8.84 -13.96 8.19
C VAL A 122 8.75 -14.07 9.72
N ASN A 123 9.89 -14.03 10.39
CA ASN A 123 9.87 -13.88 11.87
C ASN A 123 10.22 -12.43 12.16
N TYR A 124 9.19 -11.63 12.42
CA TYR A 124 9.35 -10.19 12.68
C TYR A 124 10.06 -9.97 14.03
N SER A 125 10.07 -10.97 14.92
CA SER A 125 10.75 -10.85 16.24
C SER A 125 12.28 -10.93 16.10
N THR A 126 12.82 -11.43 14.98
CA THR A 126 14.29 -11.66 14.79
C THR A 126 14.84 -10.93 13.57
N ILE A 127 14.02 -10.59 12.56
CA ILE A 127 14.55 -10.15 11.23
C ILE A 127 15.32 -8.82 11.35
N SER A 128 14.86 -7.86 12.17
CA SER A 128 15.52 -6.54 12.34
C SER A 128 16.92 -6.72 12.93
N GLU A 129 17.05 -7.61 13.91
CA GLU A 129 18.31 -7.81 14.65
C GLU A 129 19.34 -8.37 13.69
N ILE A 130 18.92 -9.14 12.69
CA ILE A 130 19.83 -9.68 11.65
C ILE A 130 20.15 -8.63 10.57
N LYS A 131 19.15 -8.00 9.95
CA LYS A 131 19.38 -7.16 8.75
C LYS A 131 19.83 -5.72 9.10
N ASP A 132 19.33 -5.16 10.19
CA ASP A 132 19.54 -3.73 10.55
C ASP A 132 21.04 -3.46 10.61
N PRO A 133 21.87 -4.29 11.26
CA PRO A 133 23.31 -3.99 11.36
C PRO A 133 24.00 -3.97 9.99
N LEU A 134 23.50 -4.78 9.05
CA LEU A 134 24.09 -4.90 7.69
C LEU A 134 23.69 -3.68 6.86
N ILE A 135 22.44 -3.27 6.93
CA ILE A 135 21.96 -2.05 6.20
C ILE A 135 22.75 -0.84 6.75
N THR A 136 22.97 -0.78 8.05
CA THR A 136 23.75 0.32 8.71
C THR A 136 25.17 0.30 8.18
N LYS A 137 25.78 -0.86 8.06
CA LYS A 137 27.17 -0.97 7.51
C LYS A 137 27.21 -0.41 6.09
N ALA A 138 26.23 -0.76 5.26
CA ALA A 138 26.21 -0.31 3.86
C ALA A 138 26.04 1.21 3.81
N ALA A 139 25.11 1.73 4.59
CA ALA A 139 24.90 3.19 4.68
C ALA A 139 26.20 3.93 5.04
N LYS A 140 26.92 3.42 6.00
CA LYS A 140 28.22 4.03 6.46
C LYS A 140 29.25 4.01 5.35
N ARG A 141 29.30 2.91 4.58
CA ARG A 141 30.20 2.85 3.41
C ARG A 141 29.75 3.87 2.41
N LEU A 142 28.44 4.04 2.15
CA LEU A 142 28.00 5.03 1.17
C LEU A 142 28.46 6.41 1.64
N LEU A 143 28.27 6.71 2.93
CA LEU A 143 28.51 8.08 3.46
C LEU A 143 30.01 8.43 3.32
N SER A 144 30.86 7.45 3.43
CA SER A 144 32.33 7.67 3.33
C SER A 144 32.83 7.54 1.88
N SER A 145 31.98 7.21 0.90
CA SER A 145 32.37 6.95 -0.51
C SER A 145 32.44 8.27 -1.27
N GLU A 146 33.04 8.29 -2.47
CA GLU A 146 33.28 9.58 -3.19
C GLU A 146 32.95 9.48 -4.67
N GLY A 147 32.05 8.57 -5.05
CA GLY A 147 31.67 8.33 -6.46
C GLY A 147 30.29 8.80 -6.86
N GLU A 148 29.75 8.17 -7.88
CA GLU A 148 28.41 8.43 -8.44
C GLU A 148 27.36 8.27 -7.33
N LEU A 149 27.46 7.23 -6.47
CA LEU A 149 26.33 6.96 -5.53
C LEU A 149 26.32 8.08 -4.49
N LYS A 150 27.50 8.56 -4.06
CA LYS A 150 27.61 9.71 -3.13
C LYS A 150 26.95 10.94 -3.76
N ASP A 151 27.23 11.24 -5.02
CA ASP A 151 26.57 12.37 -5.73
C ASP A 151 25.05 12.17 -5.73
N GLN A 152 24.58 10.97 -6.04
CA GLN A 152 23.12 10.71 -6.08
C GLN A 152 22.52 10.88 -4.68
N LEU A 153 23.21 10.43 -3.63
CA LEU A 153 22.74 10.62 -2.23
C LEU A 153 22.59 12.12 -1.98
N GLU A 154 23.60 12.92 -2.34
CA GLU A 154 23.52 14.39 -2.13
C GLU A 154 22.34 14.97 -2.90
N ASN A 155 22.08 14.54 -4.13
CA ASN A 155 20.94 15.08 -4.91
C ASN A 155 19.62 14.67 -4.29
N PHE A 156 19.53 13.45 -3.77
CA PHE A 156 18.31 12.93 -3.11
C PHE A 156 17.98 13.78 -1.86
N ARG A 157 18.96 13.96 -0.98
CA ARG A 157 18.71 14.60 0.34
C ARG A 157 18.43 16.10 0.17
N ARG A 158 18.87 16.70 -0.93
CA ARG A 158 18.62 18.13 -1.24
C ARG A 158 17.38 18.33 -2.10
N ASP A 159 16.74 17.27 -2.59
CA ASP A 159 15.51 17.40 -3.40
C ASP A 159 14.44 18.00 -2.48
N PRO A 160 13.77 19.09 -2.90
CA PRO A 160 12.79 19.77 -2.04
C PRO A 160 11.59 18.89 -1.68
N ASN A 161 11.20 17.96 -2.54
CA ASN A 161 10.06 17.05 -2.22
C ASN A 161 10.51 16.04 -1.16
N ILE A 162 11.70 15.47 -1.36
CA ILE A 162 12.27 14.48 -0.40
C ILE A 162 12.47 15.18 0.93
N SER A 163 13.18 16.31 0.98
CA SER A 163 13.57 16.96 2.25
C SER A 163 12.34 17.43 3.04
N SER A 164 11.21 17.61 2.36
CA SER A 164 9.96 18.10 3.01
C SER A 164 9.45 17.09 4.06
N TRP A 165 9.74 15.82 3.91
CA TRP A 165 9.43 14.77 4.93
C TRP A 165 10.66 14.13 5.54
N LEU A 166 11.77 13.98 4.83
CA LEU A 166 12.90 13.15 5.30
C LEU A 166 13.67 13.81 6.44
N GLU A 167 13.85 15.13 6.42
CA GLU A 167 14.61 15.77 7.51
C GLU A 167 13.84 15.55 8.81
N ASP A 168 12.53 15.84 8.82
CA ASP A 168 11.70 15.63 10.03
C ASP A 168 11.74 14.15 10.45
N ALA A 169 11.65 13.23 9.50
CA ALA A 169 11.63 11.78 9.79
C ALA A 169 12.95 11.38 10.44
N ALA A 170 14.05 11.93 9.98
CA ALA A 170 15.39 11.54 10.48
C ALA A 170 15.61 12.12 11.87
N TYR A 171 15.22 13.40 12.09
CA TYR A 171 15.37 14.01 13.44
C TYR A 171 14.46 13.27 14.41
N PHE A 172 13.22 13.01 14.03
CA PHE A 172 12.28 12.26 14.89
C PHE A 172 12.95 10.94 15.29
N ALA A 173 13.47 10.19 14.33
CA ALA A 173 14.08 8.86 14.61
C ALA A 173 15.30 8.96 15.55
N ALA A 174 16.10 10.02 15.41
CA ALA A 174 17.31 10.28 16.22
C ALA A 174 16.88 10.54 17.66
N ILE A 175 15.83 11.36 17.82
CA ILE A 175 15.31 11.72 19.16
C ILE A 175 14.67 10.47 19.77
N ASP A 176 13.87 9.76 19.02
CA ASP A 176 13.21 8.52 19.54
C ASP A 176 14.31 7.56 20.07
N ASN A 177 15.36 7.39 19.32
CA ASN A 177 16.47 6.46 19.66
C ASN A 177 17.14 6.91 20.96
N SER A 178 17.36 8.20 21.09
CA SER A 178 18.10 8.80 22.22
C SER A 178 17.23 8.85 23.50
N VAL A 179 16.00 9.34 23.39
CA VAL A 179 15.10 9.57 24.53
C VAL A 179 14.41 8.24 24.88
N ASN A 180 13.94 7.48 23.89
CA ASN A 180 13.33 6.12 24.09
C ASN A 180 12.19 6.15 25.12
N THR A 181 11.20 7.02 24.94
CA THR A 181 9.89 6.97 25.63
C THR A 181 8.93 6.23 24.67
N ILE A 182 7.81 5.80 25.20
CA ILE A 182 6.76 5.16 24.38
C ILE A 182 6.26 6.18 23.36
N SER A 183 6.07 7.44 23.76
CA SER A 183 5.58 8.46 22.78
C SER A 183 6.27 9.81 22.95
N TRP A 184 6.32 10.57 21.86
CA TRP A 184 6.91 11.91 21.90
C TRP A 184 6.15 12.79 22.89
N TYR A 185 4.93 12.42 23.30
CA TYR A 185 4.15 13.19 24.32
C TYR A 185 5.01 13.41 25.58
N ASP A 186 5.83 12.41 25.88
CA ASP A 186 6.68 12.42 27.10
C ASP A 186 8.11 12.88 26.81
N TRP A 187 8.40 13.41 25.62
CA TRP A 187 9.77 13.92 25.38
C TRP A 187 10.04 15.14 26.28
N PRO A 188 11.31 15.40 26.62
CA PRO A 188 11.70 16.70 27.20
C PRO A 188 11.18 17.86 26.34
N GLU A 189 10.69 18.91 27.02
CA GLU A 189 9.92 20.00 26.38
C GLU A 189 10.67 20.57 25.18
N PRO A 190 12.00 20.80 25.24
CA PRO A 190 12.69 21.38 24.09
C PRO A 190 12.65 20.51 22.81
N LEU A 191 12.57 19.19 22.98
CA LEU A 191 12.50 18.26 21.83
C LEU A 191 11.03 18.06 21.47
N LYS A 192 10.15 17.87 22.44
CA LYS A 192 8.70 17.76 22.17
C LYS A 192 8.19 18.95 21.36
N ASN A 193 8.62 20.15 21.73
CA ASN A 193 8.11 21.39 21.11
C ASN A 193 9.11 22.01 20.14
N ARG A 194 10.12 21.25 19.72
CA ARG A 194 10.96 21.62 18.57
C ARG A 194 11.55 23.04 18.76
N HIS A 195 12.17 23.29 19.90
CA HIS A 195 13.05 24.47 20.10
C HIS A 195 14.13 24.43 19.02
N LEU A 196 14.26 25.50 18.27
CA LEU A 196 15.27 25.50 17.20
C LEU A 196 16.64 25.17 17.79
N ALA A 197 17.03 25.71 18.95
CA ALA A 197 18.38 25.44 19.49
C ALA A 197 18.51 23.95 19.90
N ALA A 198 17.45 23.34 20.42
CA ALA A 198 17.45 21.90 20.78
C ALA A 198 17.65 21.04 19.52
N LEU A 199 17.00 21.38 18.41
CA LEU A 199 17.15 20.61 17.15
C LEU A 199 18.56 20.76 16.60
N GLU A 200 19.17 21.93 16.75
CA GLU A 200 20.56 22.14 16.28
C GLU A 200 21.48 21.25 17.10
N GLU A 201 21.23 21.14 18.38
CA GLU A 201 22.03 20.30 19.29
C GLU A 201 21.86 18.82 18.91
N VAL A 202 20.64 18.43 18.55
CA VAL A 202 20.37 17.02 18.11
C VAL A 202 21.24 16.70 16.90
N TYR A 203 21.36 17.62 15.95
CA TYR A 203 22.17 17.32 14.73
C TYR A 203 23.64 17.16 15.17
N GLN A 204 24.10 17.95 16.13
CA GLN A 204 25.50 17.87 16.63
C GLN A 204 25.74 16.54 17.35
N SER A 205 24.88 16.11 18.25
CA SER A 205 25.12 14.91 19.07
C SER A 205 24.70 13.63 18.31
N GLU A 206 23.76 13.70 17.36
CA GLU A 206 23.19 12.50 16.68
C GLU A 206 23.45 12.57 15.17
N LYS A 207 24.52 13.27 14.77
CA LYS A 207 24.85 13.50 13.34
C LYS A 207 24.97 12.16 12.60
N ASP A 208 25.68 11.21 13.17
CA ASP A 208 25.94 9.91 12.47
C ASP A 208 24.59 9.19 12.32
N PHE A 209 23.77 9.14 13.38
CA PHE A 209 22.43 8.51 13.28
C PHE A 209 21.64 9.15 12.14
N ILE A 210 21.57 10.48 12.08
CA ILE A 210 20.71 11.21 11.12
C ILE A 210 21.25 10.93 9.70
N ASP A 211 22.56 11.03 9.53
CA ASP A 211 23.18 10.82 8.19
C ASP A 211 22.91 9.38 7.71
N ILE A 212 23.04 8.40 8.60
CA ILE A 212 22.80 6.96 8.31
C ILE A 212 21.33 6.76 7.97
N PHE A 213 20.43 7.41 8.69
CA PHE A 213 18.98 7.25 8.44
C PHE A 213 18.65 7.75 7.03
N ILE A 214 19.18 8.92 6.68
CA ILE A 214 18.98 9.50 5.35
C ILE A 214 19.60 8.58 4.26
N ALA A 215 20.81 8.10 4.46
CA ALA A 215 21.46 7.20 3.48
C ALA A 215 20.63 5.92 3.28
N GLN A 216 20.10 5.36 4.37
CA GLN A 216 19.22 4.16 4.30
C GLN A 216 18.00 4.47 3.43
N GLN A 217 17.37 5.65 3.58
CA GLN A 217 16.20 6.03 2.76
C GLN A 217 16.61 6.21 1.30
N PHE A 218 17.82 6.67 1.05
CA PHE A 218 18.34 6.77 -0.35
C PHE A 218 18.49 5.34 -0.93
N LEU A 219 19.05 4.42 -0.16
CA LEU A 219 19.30 3.02 -0.62
C LEU A 219 17.94 2.37 -0.95
N PHE A 220 16.92 2.60 -0.11
CA PHE A 220 15.52 2.19 -0.39
C PHE A 220 15.03 2.79 -1.69
N GLN A 221 15.15 4.12 -1.86
CA GLN A 221 14.61 4.86 -3.01
C GLN A 221 15.24 4.26 -4.26
N ARG A 222 16.54 4.09 -4.24
CA ARG A 222 17.29 3.67 -5.45
C ARG A 222 16.88 2.23 -5.83
N GLN A 223 16.69 1.34 -4.86
CA GLN A 223 16.30 -0.04 -5.17
C GLN A 223 14.86 -0.06 -5.65
N TRP A 224 13.98 0.74 -5.02
CA TRP A 224 12.56 0.74 -5.40
C TRP A 224 12.46 1.35 -6.80
N LYS A 225 13.24 2.36 -7.14
CA LYS A 225 13.14 2.96 -8.48
C LYS A 225 13.63 1.98 -9.56
N LYS A 226 14.64 1.19 -9.28
CA LYS A 226 15.12 0.12 -10.20
C LYS A 226 14.01 -0.90 -10.45
N VAL A 227 13.29 -1.31 -9.40
CA VAL A 227 12.12 -2.23 -9.54
C VAL A 227 11.03 -1.53 -10.36
N ARG A 228 10.65 -0.30 -10.03
CA ARG A 228 9.58 0.36 -10.78
C ARG A 228 9.96 0.54 -12.26
N ASP A 229 11.22 0.90 -12.56
CA ASP A 229 11.72 1.08 -13.95
C ASP A 229 11.66 -0.23 -14.73
N TYR A 230 12.02 -1.34 -14.07
CA TYR A 230 11.96 -2.68 -14.67
C TYR A 230 10.50 -3.05 -14.97
N ALA A 231 9.61 -2.83 -14.00
CA ALA A 231 8.15 -3.06 -14.19
C ALA A 231 7.65 -2.27 -15.40
N ARG A 232 7.95 -1.00 -15.47
CA ARG A 232 7.52 -0.15 -16.62
C ARG A 232 8.05 -0.75 -17.94
N SER A 233 9.30 -1.23 -17.98
CA SER A 233 9.93 -1.81 -19.21
C SER A 233 9.10 -3.01 -19.65
N LYS A 234 8.40 -3.66 -18.73
CA LYS A 234 7.59 -4.88 -19.03
C LYS A 234 6.10 -4.53 -19.14
N GLY A 235 5.74 -3.25 -19.20
CA GLY A 235 4.34 -2.78 -19.28
C GLY A 235 3.54 -3.06 -18.01
N ILE A 236 4.18 -3.05 -16.83
CA ILE A 236 3.53 -3.33 -15.51
C ILE A 236 3.50 -2.04 -14.70
N SER A 237 2.33 -1.62 -14.26
CA SER A 237 2.09 -0.53 -13.29
C SER A 237 2.11 -1.12 -11.89
N ILE A 238 2.52 -0.31 -10.92
CA ILE A 238 2.54 -0.71 -9.50
C ILE A 238 1.47 0.10 -8.79
N MET A 239 0.55 -0.62 -8.17
CA MET A 239 -0.52 -0.09 -7.34
C MET A 239 -0.11 -0.24 -5.87
N GLY A 240 -0.06 0.86 -5.15
CA GLY A 240 0.23 0.88 -3.73
C GLY A 240 -1.04 1.00 -2.89
N ASP A 241 -0.84 1.40 -1.65
CA ASP A 241 -1.94 1.43 -0.67
C ASP A 241 -1.52 2.39 0.44
N MET A 242 -2.50 3.08 1.04
CA MET A 242 -2.16 4.00 2.16
C MET A 242 -3.34 4.02 3.11
N PRO A 243 -3.10 3.92 4.42
CA PRO A 243 -4.20 4.10 5.38
C PRO A 243 -4.60 5.58 5.28
N ILE A 244 -5.87 5.90 5.48
CA ILE A 244 -6.26 7.32 5.52
C ILE A 244 -5.50 8.03 6.67
N TYR A 245 -5.38 7.39 7.83
CA TYR A 245 -4.80 8.02 9.06
C TYR A 245 -3.35 7.57 9.25
N VAL A 246 -2.60 8.43 9.92
CA VAL A 246 -1.19 8.11 10.29
C VAL A 246 -1.14 7.81 11.80
N GLY A 247 -0.03 7.27 12.29
CA GLY A 247 0.18 6.98 13.72
C GLY A 247 0.59 8.22 14.50
N TYR A 248 0.19 8.31 15.77
CA TYR A 248 0.54 9.46 16.65
C TYR A 248 2.06 9.56 16.79
N HIS A 249 2.73 8.47 17.09
CA HIS A 249 4.17 8.47 17.40
C HIS A 249 4.91 8.44 16.08
N SER A 250 4.98 9.58 15.44
CA SER A 250 5.59 9.72 14.10
C SER A 250 5.99 11.17 13.85
N ALA A 251 6.92 11.36 12.93
CA ALA A 251 7.32 12.70 12.46
C ALA A 251 6.12 13.39 11.80
N ASP A 252 5.21 12.61 11.18
CA ASP A 252 4.01 13.15 10.50
C ASP A 252 3.23 14.03 11.48
N VAL A 253 3.06 13.58 12.71
CA VAL A 253 2.29 14.34 13.74
C VAL A 253 3.21 15.31 14.49
N TRP A 254 4.35 14.86 15.01
CA TRP A 254 5.27 15.66 15.84
C TRP A 254 5.75 16.90 15.07
N ALA A 255 6.02 16.79 13.77
CA ALA A 255 6.53 17.95 13.01
C ALA A 255 5.39 18.76 12.36
N ASN A 256 4.13 18.41 12.56
CA ASN A 256 2.98 19.04 11.87
C ASN A 256 1.78 19.05 12.81
N LYS A 257 1.98 19.45 14.05
CA LYS A 257 1.00 19.28 15.15
C LYS A 257 -0.33 19.98 14.83
N LYS A 258 -0.26 21.14 14.16
CA LYS A 258 -1.47 21.96 13.88
C LYS A 258 -2.27 21.32 12.74
N GLN A 259 -1.77 20.27 12.06
CA GLN A 259 -2.60 19.53 11.07
C GLN A 259 -3.55 18.54 11.76
N PHE A 260 -3.41 18.31 13.06
CA PHE A 260 -4.13 17.27 13.82
C PHE A 260 -4.95 17.93 14.94
N LEU A 261 -5.98 17.26 15.41
CA LEU A 261 -6.82 17.77 16.53
C LEU A 261 -6.20 17.34 17.86
N LEU A 262 -5.23 18.13 18.31
CA LEU A 262 -4.50 17.87 19.55
C LEU A 262 -4.86 18.97 20.56
N ASN A 263 -4.66 18.69 21.83
CA ASN A 263 -4.81 19.74 22.88
C ASN A 263 -3.53 20.58 22.96
N ARG A 264 -3.48 21.54 23.87
CA ARG A 264 -2.31 22.45 23.96
C ARG A 264 -1.05 21.68 24.36
N LYS A 265 -1.16 20.51 25.01
CA LYS A 265 0.00 19.66 25.39
C LYS A 265 0.34 18.63 24.29
N GLY A 266 -0.35 18.64 23.14
CA GLY A 266 -0.05 17.70 22.02
C GLY A 266 -0.72 16.35 22.16
N PHE A 267 -1.70 16.21 23.05
CA PHE A 267 -2.44 14.94 23.27
C PHE A 267 -3.71 14.96 22.43
N PRO A 268 -4.04 13.85 21.73
CA PRO A 268 -5.19 13.85 20.83
C PRO A 268 -6.50 14.17 21.60
N LEU A 269 -7.29 15.11 21.10
CA LEU A 269 -8.65 15.42 21.65
C LEU A 269 -9.60 14.26 21.31
N ILE A 270 -9.56 13.78 20.07
CA ILE A 270 -10.46 12.68 19.59
C ILE A 270 -9.60 11.74 18.77
N VAL A 271 -9.96 10.46 18.68
CA VAL A 271 -9.19 9.46 17.89
C VAL A 271 -10.13 8.67 16.99
N SER A 272 -9.57 7.91 16.07
CA SER A 272 -10.31 7.23 15.00
C SER A 272 -10.94 5.94 15.53
N GLY A 273 -11.95 5.50 14.81
CA GLY A 273 -12.55 4.18 14.95
C GLY A 273 -13.77 4.12 14.06
N VAL A 274 -14.60 3.09 14.29
CA VAL A 274 -15.91 2.90 13.62
C VAL A 274 -16.93 2.57 14.71
N PRO A 275 -18.18 3.05 14.60
CA PRO A 275 -19.24 2.68 15.55
C PRO A 275 -19.68 1.23 15.34
N PRO A 276 -20.47 0.65 16.28
CA PRO A 276 -20.94 -0.73 16.16
C PRO A 276 -21.81 -0.99 14.91
N GLY A 283 -18.14 -0.94 19.07
CA GLY A 283 -17.58 -1.24 17.74
C GLY A 283 -16.06 -1.46 17.77
N GLN A 284 -15.30 -0.65 17.02
CA GLN A 284 -13.82 -0.78 16.82
C GLN A 284 -13.14 0.57 17.14
N LEU A 285 -12.29 0.61 18.17
CA LEU A 285 -11.46 1.79 18.54
C LEU A 285 -10.10 1.65 17.86
N TRP A 286 -9.83 2.40 16.78
CA TRP A 286 -8.53 2.33 16.06
C TRP A 286 -7.49 3.20 16.73
N GLY A 287 -7.86 4.40 17.23
CA GLY A 287 -6.99 5.17 18.13
C GLY A 287 -6.00 6.09 17.43
N SER A 288 -6.08 6.28 16.10
CA SER A 288 -5.21 7.25 15.39
C SER A 288 -5.66 8.66 15.72
N PRO A 289 -4.75 9.65 15.69
CA PRO A 289 -5.14 11.05 15.75
C PRO A 289 -5.91 11.40 14.48
N LEU A 290 -6.75 12.41 14.57
CA LEU A 290 -7.66 12.84 13.51
C LEU A 290 -7.16 14.16 12.95
N TYR A 291 -7.42 14.33 11.68
CA TYR A 291 -6.99 15.53 10.96
C TYR A 291 -7.88 16.73 11.35
N ASP A 292 -7.25 17.89 11.43
CA ASP A 292 -7.94 19.19 11.57
C ASP A 292 -8.26 19.67 10.16
N TRP A 293 -9.32 19.11 9.59
CA TRP A 293 -9.61 19.31 8.15
C TRP A 293 -9.96 20.79 7.90
N LYS A 294 -10.53 21.44 8.91
CA LYS A 294 -10.80 22.92 8.86
C LYS A 294 -9.49 23.70 8.70
N ALA A 295 -8.49 23.44 9.50
CA ALA A 295 -7.17 24.11 9.40
C ALA A 295 -6.47 23.74 8.09
N MET A 296 -6.61 22.48 7.64
CA MET A 296 -5.96 21.99 6.39
C MET A 296 -6.51 22.74 5.16
N GLU A 297 -7.81 22.99 5.09
CA GLU A 297 -8.42 23.69 3.95
C GLU A 297 -7.78 25.09 3.84
N LYS A 298 -7.36 25.67 4.95
CA LYS A 298 -6.88 27.07 5.03
C LYS A 298 -5.53 27.18 4.31
N ASP A 299 -4.71 26.13 4.33
CA ASP A 299 -3.40 26.17 3.62
C ASP A 299 -3.46 25.35 2.31
N GLY A 300 -4.64 25.08 1.75
CA GLY A 300 -4.76 24.34 0.47
C GLY A 300 -4.40 22.87 0.65
N PHE A 301 -4.61 22.30 1.85
CA PHE A 301 -4.33 20.87 2.14
C PHE A 301 -2.87 20.54 1.82
N SER A 302 -1.93 21.40 2.19
CA SER A 302 -0.50 21.23 1.83
C SER A 302 0.03 19.88 2.37
N TRP A 303 -0.33 19.48 3.59
CA TRP A 303 0.20 18.22 4.17
C TRP A 303 -0.23 17.01 3.33
N TRP A 304 -1.50 16.96 2.96
CA TRP A 304 -2.08 15.90 2.10
C TRP A 304 -1.48 15.95 0.70
N VAL A 305 -1.32 17.13 0.13
CA VAL A 305 -0.63 17.25 -1.18
C VAL A 305 0.78 16.62 -1.13
N ARG A 306 1.54 16.89 -0.11
CA ARG A 306 2.91 16.33 0.03
C ARG A 306 2.80 14.80 0.19
N ARG A 307 1.83 14.31 0.94
CA ARG A 307 1.69 12.85 1.14
C ARG A 307 1.40 12.22 -0.22
N ILE A 308 0.52 12.83 -1.02
CA ILE A 308 0.16 12.30 -2.36
C ILE A 308 1.35 12.40 -3.31
N GLN A 309 2.12 13.48 -3.27
CA GLN A 309 3.33 13.65 -4.08
C GLN A 309 4.29 12.49 -3.78
N ARG A 310 4.53 12.17 -2.49
CA ARG A 310 5.41 11.00 -2.16
C ARG A 310 4.80 9.66 -2.68
N ALA A 311 3.52 9.45 -2.49
CA ALA A 311 2.83 8.24 -2.99
C ALA A 311 3.01 8.12 -4.50
N THR A 312 2.94 9.20 -5.27
CA THR A 312 3.13 9.13 -6.75
C THR A 312 4.60 8.92 -7.10
N ASP A 313 5.53 9.26 -6.23
CA ASP A 313 6.97 8.96 -6.38
C ASP A 313 7.17 7.42 -6.31
N LEU A 314 6.38 6.69 -5.51
CA LEU A 314 6.51 5.22 -5.32
C LEU A 314 5.63 4.44 -6.31
N PHE A 315 4.40 4.91 -6.58
CA PHE A 315 3.37 4.07 -7.21
C PHE A 315 2.77 4.77 -8.42
N ASP A 316 2.37 3.98 -9.41
CA ASP A 316 1.58 4.49 -10.55
C ASP A 316 0.16 4.86 -10.11
N GLU A 317 -0.40 4.12 -9.14
CA GLU A 317 -1.81 4.24 -8.72
C GLU A 317 -1.88 3.68 -7.31
N PHE A 318 -2.86 4.04 -6.50
CA PHE A 318 -2.90 3.52 -5.11
C PHE A 318 -4.32 3.54 -4.57
N ARG A 319 -4.54 2.58 -3.69
CA ARG A 319 -5.76 2.50 -2.87
C ARG A 319 -5.63 3.46 -1.70
N ILE A 320 -6.73 4.09 -1.27
CA ILE A 320 -6.78 4.70 0.09
C ILE A 320 -7.72 3.86 0.93
N ASP A 321 -7.16 3.28 1.98
CA ASP A 321 -7.94 2.45 2.94
C ASP A 321 -8.79 3.38 3.81
N HIS A 322 -10.09 3.10 3.92
CA HIS A 322 -11.08 3.89 4.68
C HIS A 322 -11.29 5.25 4.01
N PHE A 323 -11.35 5.22 2.70
CA PHE A 323 -11.73 6.34 1.81
C PHE A 323 -13.01 7.05 2.33
N ARG A 324 -13.89 6.32 3.02
CA ARG A 324 -15.18 6.87 3.52
C ARG A 324 -14.89 8.02 4.48
N GLY A 325 -13.71 8.01 5.12
CA GLY A 325 -13.31 9.09 6.06
C GLY A 325 -13.22 10.45 5.38
N PHE A 326 -13.06 10.52 4.05
CA PHE A 326 -13.03 11.84 3.38
C PHE A 326 -14.43 12.49 3.35
N ALA A 327 -15.48 11.68 3.41
CA ALA A 327 -16.91 12.16 3.42
C ALA A 327 -17.37 12.36 4.87
N GLY A 328 -17.15 11.37 5.71
CA GLY A 328 -17.59 11.33 7.12
C GLY A 328 -16.70 10.44 7.96
N PHE A 329 -16.35 10.87 9.18
CA PHE A 329 -15.42 10.07 10.00
C PHE A 329 -15.96 9.97 11.42
N TRP A 330 -15.76 8.80 12.00
CA TRP A 330 -16.11 8.52 13.41
C TRP A 330 -14.99 9.01 14.33
N ALA A 331 -15.35 9.87 15.28
CA ALA A 331 -14.44 10.50 16.26
C ALA A 331 -14.87 10.11 17.68
N VAL A 332 -13.96 9.44 18.38
CA VAL A 332 -14.06 8.91 19.76
C VAL A 332 -13.25 9.81 20.70
N PRO A 333 -13.84 10.35 21.80
CA PRO A 333 -13.08 11.11 22.80
C PRO A 333 -11.88 10.30 23.30
N SER A 334 -10.69 10.90 23.30
CA SER A 334 -9.43 10.14 23.48
C SER A 334 -9.42 9.46 24.86
N GLU A 335 -10.11 10.02 25.87
CA GLU A 335 -10.26 9.42 27.22
C GLU A 335 -11.06 8.09 27.13
N GLU A 336 -12.07 8.01 26.26
CA GLU A 336 -12.91 6.79 26.05
C GLU A 336 -12.02 5.60 25.71
N LYS A 337 -12.38 4.41 26.19
CA LYS A 337 -11.61 3.15 26.02
C LYS A 337 -12.32 2.20 25.05
N ILE A 338 -13.51 2.56 24.56
CA ILE A 338 -14.23 1.82 23.46
C ILE A 338 -14.98 2.82 22.56
N ALA A 339 -15.40 2.34 21.38
CA ALA A 339 -15.84 3.11 20.20
C ALA A 339 -17.25 3.69 20.38
N ILE A 340 -18.11 3.02 21.14
CA ILE A 340 -19.58 3.26 21.18
C ILE A 340 -19.86 4.77 21.37
N LEU A 341 -19.08 5.51 22.17
CA LEU A 341 -19.47 6.86 22.69
C LEU A 341 -18.94 8.00 21.79
N GLY A 342 -18.85 7.79 20.49
CA GLY A 342 -18.33 8.80 19.54
C GLY A 342 -19.42 9.53 18.77
N ARG A 343 -19.01 10.27 17.74
CA ARG A 343 -19.90 11.03 16.84
C ARG A 343 -19.29 10.98 15.43
N TRP A 344 -20.13 10.91 14.41
CA TRP A 344 -19.78 11.14 12.99
C TRP A 344 -19.51 12.63 12.78
N LYS A 345 -18.41 12.93 12.10
CA LYS A 345 -17.99 14.30 11.77
C LYS A 345 -17.91 14.40 10.24
N VAL A 346 -18.11 15.61 9.73
CA VAL A 346 -18.11 15.95 8.28
C VAL A 346 -16.65 15.97 7.79
N GLY A 347 -16.36 15.14 6.80
CA GLY A 347 -15.06 15.07 6.14
C GLY A 347 -14.87 16.19 5.13
N PRO A 348 -13.65 16.36 4.62
CA PRO A 348 -13.33 17.52 3.80
C PRO A 348 -14.05 17.50 2.44
N GLY A 349 -14.35 16.32 1.93
CA GLY A 349 -15.00 16.09 0.63
C GLY A 349 -14.13 16.48 -0.54
N LYS A 350 -14.78 16.83 -1.65
CA LYS A 350 -14.13 16.97 -2.98
C LYS A 350 -13.07 18.06 -2.99
N PRO A 351 -13.19 19.18 -2.24
CA PRO A 351 -12.16 20.21 -2.23
C PRO A 351 -10.73 19.73 -1.91
N LEU A 352 -10.60 18.67 -1.13
CA LEU A 352 -9.27 18.01 -0.95
C LEU A 352 -8.79 17.51 -2.32
N PHE A 353 -9.64 16.82 -3.05
CA PHE A 353 -9.24 16.23 -4.33
C PHE A 353 -9.02 17.31 -5.39
N ASP A 354 -9.78 18.41 -5.35
CA ASP A 354 -9.51 19.60 -6.21
C ASP A 354 -8.10 20.16 -5.95
N ALA A 355 -7.69 20.26 -4.68
CA ALA A 355 -6.37 20.81 -4.31
C ALA A 355 -5.25 19.89 -4.83
N ILE A 356 -5.45 18.57 -4.70
CA ILE A 356 -4.47 17.54 -5.12
C ILE A 356 -4.34 17.64 -6.65
N LEU A 357 -5.46 17.69 -7.37
CA LEU A 357 -5.43 17.81 -8.86
C LEU A 357 -4.62 19.05 -9.28
N GLN A 358 -4.90 20.18 -8.67
CA GLN A 358 -4.27 21.50 -8.95
C GLN A 358 -2.76 21.39 -8.73
N ALA A 359 -2.36 20.66 -7.69
CA ALA A 359 -0.95 20.68 -7.21
C ALA A 359 -0.16 19.58 -7.87
N VAL A 360 -0.77 18.41 -8.12
CA VAL A 360 0.00 17.20 -8.50
C VAL A 360 -0.48 16.68 -9.86
N GLY A 361 -1.62 17.16 -10.38
CA GLY A 361 -2.21 16.66 -11.64
C GLY A 361 -2.97 15.37 -11.40
N LYS A 362 -3.35 14.69 -12.48
CA LYS A 362 -4.29 13.55 -12.45
C LYS A 362 -3.61 12.41 -11.69
N ILE A 363 -4.29 11.85 -10.69
CA ILE A 363 -3.80 10.64 -9.96
C ILE A 363 -4.87 9.56 -10.09
N ASN A 364 -4.46 8.31 -10.06
CA ASN A 364 -5.39 7.16 -10.16
C ASN A 364 -5.52 6.60 -8.75
N ILE A 365 -6.55 7.01 -8.05
CA ILE A 365 -6.82 6.61 -6.63
C ILE A 365 -7.90 5.54 -6.66
N ILE A 366 -7.71 4.46 -5.92
CA ILE A 366 -8.78 3.46 -5.74
C ILE A 366 -9.40 3.71 -4.36
N ALA A 367 -10.72 3.83 -4.32
CA ALA A 367 -11.46 4.05 -3.08
C ALA A 367 -11.76 2.70 -2.42
N GLU A 368 -11.17 2.43 -1.27
CA GLU A 368 -11.61 1.26 -0.45
C GLU A 368 -12.97 1.65 0.14
N ASP A 369 -14.05 1.00 -0.33
CA ASP A 369 -15.45 1.37 0.01
C ASP A 369 -16.22 0.14 0.51
N LEU A 370 -15.59 -0.76 1.26
CA LEU A 370 -16.22 -1.99 1.78
C LEU A 370 -17.13 -1.70 2.97
N GLY A 371 -18.05 -2.61 3.25
CA GLY A 371 -18.90 -2.54 4.44
C GLY A 371 -20.00 -1.51 4.30
N VAL A 372 -20.61 -1.15 5.43
CA VAL A 372 -21.72 -0.17 5.50
C VAL A 372 -21.08 1.19 5.22
N ILE A 373 -21.43 1.75 4.06
CA ILE A 373 -21.07 3.14 3.70
C ILE A 373 -22.37 3.87 3.39
N THR A 374 -22.35 5.18 3.59
CA THR A 374 -23.52 6.08 3.44
C THR A 374 -23.49 6.65 2.03
N GLU A 375 -24.58 7.32 1.64
CA GLU A 375 -24.81 7.86 0.30
C GLU A 375 -23.77 8.92 -0.01
N ASP A 376 -23.39 9.75 0.95
CA ASP A 376 -22.38 10.82 0.71
C ASP A 376 -21.03 10.17 0.29
N VAL A 377 -20.72 8.97 0.74
CA VAL A 377 -19.41 8.33 0.36
C VAL A 377 -19.50 7.96 -1.13
N VAL A 378 -20.62 7.37 -1.55
CA VAL A 378 -20.85 7.02 -2.97
C VAL A 378 -20.78 8.29 -3.83
N GLN A 379 -21.47 9.37 -3.43
CA GLN A 379 -21.48 10.63 -4.21
C GLN A 379 -20.07 11.21 -4.30
N LEU A 380 -19.32 11.15 -3.21
CA LEU A 380 -17.95 11.73 -3.23
C LEU A 380 -17.12 10.90 -4.19
N ARG A 381 -17.12 9.57 -4.05
CA ARG A 381 -16.32 8.70 -4.97
C ARG A 381 -16.70 8.97 -6.44
N LYS A 382 -18.01 9.05 -6.77
CA LYS A 382 -18.42 9.28 -8.18
C LYS A 382 -18.05 10.68 -8.62
N SER A 383 -18.07 11.66 -7.72
CA SER A 383 -17.69 13.07 -8.04
C SER A 383 -16.24 13.18 -8.48
N ILE A 384 -15.32 12.32 -8.01
CA ILE A 384 -13.90 12.38 -8.46
C ILE A 384 -13.60 11.22 -9.44
N GLU A 385 -14.60 10.49 -9.89
CA GLU A 385 -14.47 9.37 -10.87
C GLU A 385 -13.47 8.33 -10.36
N ALA A 386 -13.45 8.07 -9.07
CA ALA A 386 -12.55 7.07 -8.47
C ALA A 386 -13.26 5.73 -8.49
N PRO A 387 -12.59 4.64 -8.90
CA PRO A 387 -13.22 3.34 -8.83
C PRO A 387 -13.33 2.87 -7.37
N GLY A 388 -14.38 2.17 -7.06
CA GLY A 388 -14.51 1.40 -5.80
C GLY A 388 -14.11 -0.06 -6.00
N MET A 389 -14.40 -0.91 -5.03
CA MET A 389 -13.92 -2.29 -4.96
C MET A 389 -15.13 -3.21 -5.06
N ALA A 390 -14.92 -4.38 -5.66
CA ALA A 390 -15.76 -5.57 -5.56
C ALA A 390 -14.88 -6.72 -5.07
N VAL A 391 -15.36 -7.47 -4.09
CA VAL A 391 -14.61 -8.61 -3.54
C VAL A 391 -15.47 -9.87 -3.60
N LEU A 392 -15.12 -10.81 -4.49
CA LEU A 392 -16.04 -11.95 -4.79
C LEU A 392 -16.28 -12.80 -3.54
N GLN A 393 -15.32 -12.86 -2.61
CA GLN A 393 -15.50 -13.70 -1.39
C GLN A 393 -16.60 -13.11 -0.49
N PHE A 394 -17.06 -11.89 -0.76
CA PHE A 394 -18.14 -11.23 0.01
C PHE A 394 -19.49 -11.25 -0.74
N ALA A 395 -19.58 -11.90 -1.90
CA ALA A 395 -20.71 -11.71 -2.84
C ALA A 395 -21.91 -12.59 -2.53
N PHE A 396 -21.74 -13.74 -1.85
CA PHE A 396 -22.65 -14.91 -1.98
C PHE A 396 -23.44 -15.23 -0.71
N GLY A 397 -23.41 -14.37 0.29
CA GLY A 397 -24.03 -14.62 1.61
C GLY A 397 -25.27 -13.78 1.86
N SER A 398 -25.79 -13.02 0.89
CA SER A 398 -27.02 -12.22 1.14
C SER A 398 -28.03 -12.55 0.03
N ASP A 399 -28.28 -11.64 -0.87
CA ASP A 399 -29.25 -11.85 -1.98
C ASP A 399 -28.60 -11.39 -3.30
N ALA A 400 -29.37 -11.33 -4.38
CA ALA A 400 -28.86 -10.99 -5.73
C ALA A 400 -28.58 -9.49 -5.87
N GLU A 401 -28.90 -8.61 -4.90
CA GLU A 401 -28.55 -7.18 -4.95
C GLU A 401 -27.17 -6.94 -4.29
N ASN A 402 -26.52 -7.98 -3.84
CA ASN A 402 -25.17 -7.88 -3.25
C ASN A 402 -24.26 -7.24 -4.31
N PRO A 403 -23.68 -6.07 -3.99
CA PRO A 403 -22.88 -5.29 -4.96
C PRO A 403 -21.58 -5.98 -5.39
N HIS A 404 -21.17 -7.02 -4.68
CA HIS A 404 -19.95 -7.80 -5.02
C HIS A 404 -20.24 -8.85 -6.08
N LEU A 405 -21.51 -9.14 -6.41
CA LEU A 405 -21.79 -10.15 -7.46
C LEU A 405 -21.45 -9.55 -8.83
N PRO A 406 -20.85 -10.34 -9.75
CA PRO A 406 -20.44 -9.82 -11.07
C PRO A 406 -21.52 -9.06 -11.87
N HIS A 407 -22.77 -9.47 -11.76
CA HIS A 407 -23.87 -8.80 -12.52
C HIS A 407 -24.15 -7.40 -11.98
N ASN A 408 -23.62 -7.06 -10.81
CA ASN A 408 -23.74 -5.71 -10.21
C ASN A 408 -22.42 -4.92 -10.36
N HIS A 409 -21.40 -5.45 -11.03
CA HIS A 409 -20.13 -4.70 -11.20
C HIS A 409 -20.29 -3.60 -12.23
N GLU A 410 -19.42 -2.60 -12.18
CA GLU A 410 -19.40 -1.57 -13.23
C GLU A 410 -18.00 -1.51 -13.82
N GLN A 411 -17.88 -0.82 -14.94
CA GLN A 411 -16.58 -0.69 -15.62
C GLN A 411 -15.58 0.02 -14.68
N ASN A 412 -15.95 1.11 -14.02
CA ASN A 412 -15.00 1.93 -13.23
C ASN A 412 -14.96 1.35 -11.80
N GLN A 413 -14.28 0.24 -11.65
CA GLN A 413 -14.26 -0.60 -10.44
C GLN A 413 -13.05 -1.54 -10.50
N VAL A 414 -12.60 -1.97 -9.33
CA VAL A 414 -11.52 -2.97 -9.20
C VAL A 414 -12.13 -4.19 -8.57
N VAL A 415 -12.00 -5.34 -9.22
CA VAL A 415 -12.56 -6.60 -8.66
C VAL A 415 -11.40 -7.44 -8.14
N TYR A 416 -11.60 -8.00 -6.94
CA TYR A 416 -10.72 -8.98 -6.26
C TYR A 416 -11.47 -10.29 -6.10
N THR A 417 -10.78 -11.41 -6.15
CA THR A 417 -11.22 -12.67 -5.51
C THR A 417 -11.33 -12.37 -4.01
N GLY A 418 -10.27 -11.81 -3.45
CA GLY A 418 -10.09 -11.49 -2.04
C GLY A 418 -8.88 -10.59 -1.92
N THR A 419 -8.78 -9.82 -0.84
CA THR A 419 -7.60 -8.99 -0.57
C THR A 419 -6.71 -9.71 0.45
N HIS A 420 -5.70 -8.99 0.92
CA HIS A 420 -4.81 -9.46 2.01
C HIS A 420 -5.60 -9.63 3.33
N ASP A 421 -6.77 -9.00 3.48
CA ASP A 421 -7.67 -9.13 4.66
C ASP A 421 -8.57 -10.37 4.57
N ASN A 422 -8.63 -11.04 3.42
CA ASN A 422 -9.45 -12.25 3.22
C ASN A 422 -8.59 -13.51 3.31
N ASP A 423 -9.21 -14.63 3.68
CA ASP A 423 -8.58 -15.95 3.50
C ASP A 423 -8.33 -16.14 2.01
N THR A 424 -7.53 -17.14 1.67
CA THR A 424 -7.32 -17.60 0.27
C THR A 424 -8.65 -18.17 -0.23
N ILE A 425 -8.82 -18.32 -1.54
CA ILE A 425 -10.08 -18.90 -2.09
C ILE A 425 -10.28 -20.28 -1.43
N ARG A 426 -9.26 -21.12 -1.43
CA ARG A 426 -9.37 -22.49 -0.84
C ARG A 426 -9.68 -22.45 0.66
N GLY A 427 -9.07 -21.54 1.41
CA GLY A 427 -9.33 -21.38 2.85
C GLY A 427 -10.74 -20.89 3.12
N TRP A 428 -11.18 -19.90 2.36
CA TRP A 428 -12.55 -19.35 2.42
C TRP A 428 -13.56 -20.46 2.14
N TRP A 429 -13.30 -21.27 1.12
CA TRP A 429 -14.23 -22.34 0.71
C TRP A 429 -14.32 -23.38 1.84
N ASP A 430 -13.19 -23.66 2.46
CA ASP A 430 -13.10 -24.73 3.50
C ASP A 430 -14.01 -24.44 4.70
N THR A 431 -14.25 -23.18 5.09
CA THR A 431 -15.08 -22.78 6.25
C THR A 431 -16.41 -22.18 5.80
N LEU A 432 -16.74 -22.27 4.51
CA LEU A 432 -17.99 -21.70 3.96
C LEU A 432 -19.15 -22.64 4.32
N PRO A 433 -20.20 -22.11 4.96
CA PRO A 433 -21.43 -22.88 5.22
C PRO A 433 -21.99 -23.55 3.96
N GLN A 434 -22.65 -24.69 4.11
CA GLN A 434 -23.11 -25.53 2.98
C GLN A 434 -24.09 -24.75 2.09
N GLU A 435 -24.97 -23.94 2.69
CA GLU A 435 -26.00 -23.14 1.99
C GLU A 435 -25.29 -22.13 1.08
N GLU A 436 -24.24 -21.49 1.60
CA GLU A 436 -23.48 -20.48 0.82
C GLU A 436 -22.67 -21.20 -0.27
N LYS A 437 -22.11 -22.37 -0.03
CA LYS A 437 -21.38 -23.13 -1.09
C LYS A 437 -22.29 -23.41 -2.29
N SER A 438 -23.50 -23.91 -2.07
CA SER A 438 -24.38 -24.30 -3.20
C SER A 438 -24.81 -23.05 -3.99
N ASN A 439 -25.06 -21.95 -3.30
CA ASN A 439 -25.26 -20.60 -3.88
C ASN A 439 -24.11 -20.21 -4.80
N VAL A 440 -22.87 -20.34 -4.29
CA VAL A 440 -21.68 -20.03 -5.11
C VAL A 440 -21.71 -20.87 -6.37
N LEU A 441 -21.87 -22.19 -6.23
CA LEU A 441 -21.75 -23.14 -7.37
C LEU A 441 -22.89 -22.85 -8.37
N LYS A 442 -24.09 -22.54 -7.89
CA LYS A 442 -25.25 -22.18 -8.75
C LYS A 442 -24.90 -20.93 -9.55
N TYR A 443 -24.36 -19.89 -8.89
CA TYR A 443 -24.08 -18.58 -9.54
C TYR A 443 -23.05 -18.78 -10.66
N LEU A 444 -22.00 -19.52 -10.35
CA LEU A 444 -20.87 -19.75 -11.28
C LEU A 444 -21.20 -20.88 -12.26
N SER A 445 -22.48 -21.19 -12.45
CA SER A 445 -23.00 -21.97 -13.61
C SER A 445 -22.75 -23.45 -13.39
N ASN A 446 -23.05 -23.95 -12.20
CA ASN A 446 -23.02 -25.40 -11.85
C ASN A 446 -21.62 -25.98 -12.12
N ILE A 447 -20.53 -25.21 -11.90
CA ILE A 447 -19.12 -25.75 -11.91
C ILE A 447 -18.94 -26.63 -10.69
N GLU A 448 -17.92 -27.49 -10.69
CA GLU A 448 -17.71 -28.51 -9.62
C GLU A 448 -16.88 -27.88 -8.51
N GLU A 449 -17.19 -28.30 -7.28
CA GLU A 449 -16.53 -27.89 -6.02
C GLU A 449 -15.01 -27.96 -6.23
N GLU A 450 -14.52 -28.94 -6.98
CA GLU A 450 -13.05 -29.15 -7.12
C GLU A 450 -12.43 -27.99 -7.91
N GLU A 451 -13.22 -27.19 -8.63
CA GLU A 451 -12.66 -26.16 -9.55
C GLU A 451 -13.02 -24.78 -9.02
N ILE A 452 -13.34 -24.65 -7.74
CA ILE A 452 -13.78 -23.37 -7.14
C ILE A 452 -12.71 -22.29 -7.36
N SER A 453 -11.41 -22.60 -7.32
CA SER A 453 -10.36 -21.56 -7.51
C SER A 453 -10.49 -21.00 -8.90
N ARG A 454 -10.44 -21.88 -9.91
CA ARG A 454 -10.60 -21.50 -11.33
C ARG A 454 -11.90 -20.70 -11.46
N GLY A 455 -13.01 -21.15 -10.88
CA GLY A 455 -14.31 -20.47 -11.01
C GLY A 455 -14.29 -19.04 -10.50
N LEU A 456 -13.73 -18.80 -9.31
CA LEU A 456 -13.67 -17.45 -8.72
C LEU A 456 -12.67 -16.57 -9.47
N ILE A 457 -11.50 -17.10 -9.83
CA ILE A 457 -10.52 -16.34 -10.64
C ILE A 457 -11.16 -15.96 -11.98
N GLU A 458 -11.81 -16.90 -12.68
CA GLU A 458 -12.47 -16.55 -13.96
C GLU A 458 -13.59 -15.56 -13.72
N GLY A 459 -14.31 -15.65 -12.59
CA GLY A 459 -15.38 -14.69 -12.25
C GLY A 459 -14.82 -13.29 -12.11
N ALA A 460 -13.61 -13.14 -11.57
CA ALA A 460 -12.97 -11.83 -11.49
C ALA A 460 -12.52 -11.37 -12.89
N VAL A 461 -11.81 -12.20 -13.62
CA VAL A 461 -11.17 -11.82 -14.91
C VAL A 461 -12.27 -11.50 -15.95
N SER A 462 -13.40 -12.21 -15.92
CA SER A 462 -14.52 -12.03 -16.89
C SER A 462 -15.45 -10.87 -16.51
N SER A 463 -15.21 -10.22 -15.36
CA SER A 463 -16.03 -9.06 -14.88
C SER A 463 -15.88 -7.91 -15.87
N VAL A 464 -16.84 -7.02 -15.91
CA VAL A 464 -16.73 -5.72 -16.63
C VAL A 464 -15.76 -4.77 -15.92
N ALA A 465 -15.40 -5.04 -14.67
CA ALA A 465 -14.49 -4.15 -13.91
C ALA A 465 -13.20 -4.00 -14.71
N ARG A 466 -12.75 -2.78 -14.88
CA ARG A 466 -11.56 -2.52 -15.71
C ARG A 466 -10.27 -3.02 -15.07
N ILE A 467 -10.21 -3.21 -13.76
CA ILE A 467 -9.01 -3.87 -13.15
C ILE A 467 -9.47 -5.10 -12.36
N ALA A 468 -8.84 -6.24 -12.59
CA ALA A 468 -9.02 -7.47 -11.80
C ALA A 468 -7.71 -7.84 -11.13
N ILE A 469 -7.76 -8.15 -9.84
CA ILE A 469 -6.56 -8.43 -9.02
C ILE A 469 -6.75 -9.77 -8.36
N ILE A 470 -5.75 -10.64 -8.50
CA ILE A 470 -5.73 -11.97 -7.90
C ILE A 470 -4.58 -12.02 -6.90
N PRO A 471 -4.78 -12.45 -5.65
CA PRO A 471 -3.63 -12.72 -4.77
C PRO A 471 -2.75 -13.86 -5.28
N MET A 472 -1.43 -13.70 -5.09
CA MET A 472 -0.49 -14.75 -5.52
C MET A 472 -0.84 -16.08 -4.81
N GLN A 473 -1.40 -16.05 -3.60
CA GLN A 473 -1.71 -17.32 -2.85
C GLN A 473 -2.73 -18.15 -3.65
N ASP A 474 -3.63 -17.47 -4.37
CA ASP A 474 -4.66 -18.20 -5.17
C ASP A 474 -4.09 -18.79 -6.46
N VAL A 475 -3.15 -18.10 -7.11
CA VAL A 475 -2.45 -18.66 -8.27
C VAL A 475 -1.71 -19.94 -7.81
N LEU A 476 -1.17 -19.94 -6.61
CA LEU A 476 -0.32 -21.08 -6.13
C LEU A 476 -1.19 -22.16 -5.47
N GLY A 477 -2.49 -21.94 -5.37
CA GLY A 477 -3.42 -22.97 -4.90
C GLY A 477 -3.34 -23.20 -3.42
N LEU A 478 -3.07 -22.17 -2.61
CA LEU A 478 -2.74 -22.36 -1.18
C LEU A 478 -3.97 -22.16 -0.32
N GLY A 479 -3.93 -22.76 0.87
CA GLY A 479 -5.01 -22.75 1.87
C GLY A 479 -4.79 -21.73 2.96
N SER A 480 -5.50 -21.88 4.09
CA SER A 480 -5.61 -20.85 5.17
C SER A 480 -4.22 -20.58 5.80
N ASP A 481 -3.31 -21.53 5.69
CA ASP A 481 -1.93 -21.44 6.25
C ASP A 481 -1.15 -20.35 5.49
N SER A 482 -1.68 -19.83 4.37
CA SER A 482 -1.01 -18.78 3.56
C SER A 482 -1.73 -17.43 3.60
N ARG A 483 -2.72 -17.27 4.47
CA ARG A 483 -3.48 -16.04 4.60
C ARG A 483 -2.54 -14.95 5.12
N MET A 484 -2.60 -13.77 4.52
CA MET A 484 -1.68 -12.71 4.93
C MET A 484 -2.16 -12.09 6.24
N ASN A 485 -3.45 -11.78 6.39
CA ASN A 485 -3.97 -11.07 7.58
C ASN A 485 -5.34 -11.64 7.96
N ILE A 486 -5.57 -11.86 9.25
CA ILE A 486 -6.94 -12.01 9.84
C ILE A 486 -7.27 -10.72 10.56
N PRO A 487 -8.16 -9.86 10.06
CA PRO A 487 -8.44 -8.60 10.72
C PRO A 487 -8.73 -8.68 12.24
N ALA A 488 -8.07 -7.80 13.00
CA ALA A 488 -8.10 -7.66 14.48
C ALA A 488 -7.26 -8.73 15.20
N THR A 489 -6.75 -9.78 14.57
CA THR A 489 -5.92 -10.78 15.31
C THR A 489 -4.52 -10.21 15.56
N GLN A 490 -3.76 -10.79 16.48
CA GLN A 490 -2.47 -10.19 16.91
C GLN A 490 -1.29 -11.01 16.41
N PHE A 491 -1.44 -12.24 15.91
CA PHE A 491 -0.24 -13.06 15.59
C PHE A 491 -0.49 -13.87 14.34
N GLY A 492 0.60 -14.15 13.65
CA GLY A 492 0.61 -14.99 12.45
C GLY A 492 0.40 -14.14 11.21
N ASN A 493 0.31 -12.81 11.38
CA ASN A 493 -0.11 -11.90 10.27
C ASN A 493 1.12 -11.31 9.57
N TRP A 494 0.97 -11.05 8.28
CA TRP A 494 1.97 -10.37 7.41
C TRP A 494 3.22 -11.20 7.21
N SER A 495 3.23 -12.50 7.53
CA SER A 495 4.48 -13.30 7.59
C SER A 495 4.53 -14.34 6.47
N TRP A 496 3.44 -14.58 5.73
CA TRP A 496 3.44 -15.55 4.61
C TRP A 496 4.54 -15.17 3.63
N ARG A 497 5.29 -16.20 3.21
CA ARG A 497 6.23 -16.13 2.08
C ARG A 497 5.95 -17.26 1.12
N ILE A 498 6.22 -17.00 -0.15
CA ILE A 498 6.31 -18.05 -1.20
C ILE A 498 7.33 -19.04 -0.64
N PRO A 499 6.97 -20.33 -0.51
CA PRO A 499 7.95 -21.31 0.01
C PRO A 499 9.20 -21.43 -0.88
N SER A 500 10.32 -21.81 -0.27
CA SER A 500 11.66 -21.92 -0.90
C SER A 500 11.64 -22.90 -2.08
N SER A 501 10.83 -23.93 -2.01
CA SER A 501 10.64 -24.96 -3.06
C SER A 501 9.93 -24.39 -4.30
N THR A 502 9.20 -23.27 -4.18
CA THR A 502 8.47 -22.63 -5.31
C THR A 502 9.36 -21.55 -5.88
N SER A 503 9.73 -21.63 -7.15
CA SER A 503 10.52 -20.57 -7.81
C SER A 503 9.74 -20.04 -9.03
N PHE A 504 9.87 -18.74 -9.33
CA PHE A 504 9.13 -18.12 -10.45
C PHE A 504 9.50 -18.85 -11.75
N ASP A 505 10.72 -19.37 -11.84
CA ASP A 505 11.13 -20.07 -13.09
C ASP A 505 10.37 -21.39 -13.27
N ASN A 506 9.82 -21.96 -12.21
CA ASN A 506 9.05 -23.22 -12.28
C ASN A 506 7.54 -22.96 -12.36
N LEU A 507 7.09 -21.73 -12.68
CA LEU A 507 5.63 -21.43 -12.67
C LEU A 507 5.13 -21.11 -14.09
N ASP A 508 5.72 -21.67 -15.14
CA ASP A 508 5.33 -21.31 -16.54
C ASP A 508 3.87 -21.77 -16.80
N ALA A 509 3.48 -22.91 -16.25
CA ALA A 509 2.10 -23.46 -16.42
C ALA A 509 1.07 -22.51 -15.79
N GLU A 510 1.34 -22.06 -14.57
CA GLU A 510 0.45 -21.08 -13.87
C GLU A 510 0.35 -19.80 -14.72
N ALA A 511 1.46 -19.30 -15.31
CA ALA A 511 1.47 -18.08 -16.11
C ALA A 511 0.61 -18.31 -17.34
N LYS A 512 0.76 -19.47 -17.98
CA LYS A 512 0.01 -19.74 -19.24
C LYS A 512 -1.50 -19.82 -18.97
N LYS A 513 -1.89 -20.44 -17.87
CA LYS A 513 -3.29 -20.64 -17.49
C LYS A 513 -3.92 -19.26 -17.25
N LEU A 514 -3.19 -18.33 -16.60
CA LEU A 514 -3.71 -16.96 -16.38
C LEU A 514 -3.73 -16.19 -17.69
N ARG A 515 -2.67 -16.29 -18.48
CA ARG A 515 -2.59 -15.58 -19.77
C ARG A 515 -3.79 -15.97 -20.67
N ASP A 516 -4.16 -17.25 -20.70
CA ASP A 516 -5.23 -17.73 -21.61
C ASP A 516 -6.58 -17.10 -21.24
N ILE A 517 -6.89 -16.99 -19.94
CA ILE A 517 -8.17 -16.34 -19.55
C ILE A 517 -8.05 -14.83 -19.74
N LEU A 518 -6.86 -14.22 -19.54
CA LEU A 518 -6.71 -12.79 -19.83
C LEU A 518 -7.01 -12.55 -21.30
N ALA A 519 -6.53 -13.42 -22.21
CA ALA A 519 -6.78 -13.27 -23.65
C ALA A 519 -8.30 -13.36 -23.92
N THR A 520 -8.94 -14.38 -23.37
CA THR A 520 -10.41 -14.65 -23.60
C THR A 520 -11.23 -13.43 -23.14
N TYR A 521 -10.88 -12.84 -22.01
CA TYR A 521 -11.71 -11.76 -21.39
C TYR A 521 -11.10 -10.38 -21.63
N GLY A 522 -10.26 -10.24 -22.65
CA GLY A 522 -9.85 -8.90 -23.12
C GLY A 522 -8.99 -8.11 -22.12
N ARG A 523 -8.12 -8.74 -21.33
CA ARG A 523 -7.25 -8.03 -20.32
C ARG A 523 -5.77 -8.05 -20.76
N LEU A 524 -5.49 -8.60 -21.92
CA LEU A 524 -4.10 -8.82 -22.41
C LEU A 524 -3.75 -7.66 -23.34
#